data_1V48
#
_entry.id   1V48
#
_cell.length_a   93.183
_cell.length_b   93.183
_cell.length_c   93.183
_cell.angle_alpha   90.00
_cell.angle_beta   90.00
_cell.angle_gamma   90.00
#
_symmetry.space_group_name_H-M   'P 21 3'
#
loop_
_entity.id
_entity.type
_entity.pdbx_description
1 polymer 'Purine nucleoside phosphorylase'
2 non-polymer 'ZINC ION'
3 non-polymer 'MAGNESIUM ION'
4 non-polymer 9-(5,5-DIFLUORO-5-PHOSPHONOPENTYL)GUANINE
5 water water
#
_entity_poly.entity_id   1
_entity_poly.type   'polypeptide(L)'
_entity_poly.pdbx_seq_one_letter_code
;MQNGYTYEDYQDTAKWLLSHTEQRPQVAVICGSGLGGLVNKLTQAQTFDYSEIPNFPESTVPGHAGRLVFGILNGRACVM
MQGRFHMYEGYPFWKVTFPVRVFRLLGVETLVVTNAAGGLNPNFEVGDIMLIRDHINLPGFSGENPLRGPNEERFGVRFP
AMSDAYDRDMRQKAHSTWKQMGEQRELQEGTYVMLGGPNFETVAECRLLRNLGADAVGMSTVPEVIVARHCGLRVFGFSL
ITNKVIMDYESQGKANHEEVLEAGKQAAQKLEQFVSLLMASIPVSGHTG
;
_entity_poly.pdbx_strand_id   A
#
# COMPACT_ATOMS: atom_id res chain seq x y z
N GLN A 2 -7.46 12.32 17.74
CA GLN A 2 -7.83 13.42 16.79
C GLN A 2 -6.70 13.73 15.82
N ASN A 3 -7.03 13.73 14.53
CA ASN A 3 -6.05 14.02 13.48
C ASN A 3 -5.26 15.29 13.83
N GLY A 4 -3.97 15.11 14.13
CA GLY A 4 -3.13 16.24 14.48
C GLY A 4 -2.60 17.01 13.29
N TYR A 5 -3.23 16.83 12.13
CA TYR A 5 -2.82 17.52 10.91
C TYR A 5 -3.93 18.40 10.34
N THR A 6 -3.59 19.65 10.02
CA THR A 6 -4.56 20.55 9.42
C THR A 6 -4.41 20.37 7.92
N TYR A 7 -5.36 20.88 7.13
CA TYR A 7 -5.25 20.75 5.69
C TYR A 7 -3.96 21.42 5.24
N GLU A 8 -3.68 22.59 5.82
CA GLU A 8 -2.48 23.35 5.49
C GLU A 8 -1.17 22.59 5.72
N ASP A 9 -1.16 21.66 6.69
CA ASP A 9 0.06 20.89 6.95
C ASP A 9 0.41 20.03 5.75
N TYR A 10 -0.60 19.44 5.12
CA TYR A 10 -0.39 18.60 3.95
C TYR A 10 0.16 19.50 2.84
N GLN A 11 -0.50 20.64 2.65
CA GLN A 11 -0.08 21.61 1.63
C GLN A 11 1.35 22.06 1.83
N ASP A 12 1.73 22.40 3.05
CA ASP A 12 3.09 22.84 3.33
C ASP A 12 4.08 21.76 2.94
N THR A 13 3.81 20.54 3.37
CA THR A 13 4.68 19.42 3.07
C THR A 13 4.77 19.20 1.57
N ALA A 14 3.63 19.25 0.89
CA ALA A 14 3.59 19.06 -0.56
C ALA A 14 4.38 20.12 -1.32
N LYS A 15 4.23 21.39 -0.94
CA LYS A 15 4.98 22.43 -1.63
C LYS A 15 6.46 22.34 -1.30
N TRP A 16 6.78 21.87 -0.10
CA TRP A 16 8.18 21.71 0.26
C TRP A 16 8.82 20.74 -0.73
N LEU A 17 8.15 19.62 -0.97
CA LEU A 17 8.67 18.60 -1.88
C LEU A 17 8.71 19.09 -3.33
N LEU A 18 7.69 19.85 -3.74
CA LEU A 18 7.65 20.35 -5.11
C LEU A 18 8.80 21.32 -5.40
N SER A 19 9.26 22.03 -4.38
CA SER A 19 10.37 22.97 -4.61
C SER A 19 11.74 22.35 -4.39
N HIS A 20 11.80 21.14 -3.87
CA HIS A 20 13.09 20.49 -3.66
C HIS A 20 13.47 19.42 -4.69
N THR A 21 12.56 19.17 -5.63
CA THR A 21 12.82 18.20 -6.69
C THR A 21 12.05 18.66 -7.92
N GLU A 22 12.57 18.38 -9.11
CA GLU A 22 11.87 18.76 -10.32
C GLU A 22 10.89 17.65 -10.68
N GLN A 23 11.06 16.50 -10.03
CA GLN A 23 10.21 15.34 -10.26
C GLN A 23 8.74 15.66 -9.99
N ARG A 24 7.87 15.21 -10.89
CA ARG A 24 6.43 15.42 -10.76
C ARG A 24 5.77 14.08 -11.03
N PRO A 25 5.72 13.22 -10.01
CA PRO A 25 5.14 11.87 -10.06
C PRO A 25 3.63 11.78 -10.23
N GLN A 26 3.18 10.79 -10.99
CA GLN A 26 1.77 10.56 -11.21
C GLN A 26 1.39 9.28 -10.46
N VAL A 27 2.42 8.50 -10.13
CA VAL A 27 2.24 7.25 -9.43
C VAL A 27 3.02 7.23 -8.13
N ALA A 28 2.42 6.67 -7.08
CA ALA A 28 3.08 6.57 -5.79
C ALA A 28 3.09 5.10 -5.41
N VAL A 29 4.20 4.64 -4.84
CA VAL A 29 4.32 3.25 -4.43
C VAL A 29 4.71 3.22 -2.96
N ILE A 30 4.02 2.41 -2.17
CA ILE A 30 4.35 2.28 -0.76
C ILE A 30 4.91 0.88 -0.55
N CYS A 31 6.16 0.80 -0.12
CA CYS A 31 6.81 -0.49 0.12
C CYS A 31 6.97 -0.76 1.59
N GLY A 32 6.70 -2.00 1.99
CA GLY A 32 6.83 -2.38 3.37
C GLY A 32 8.21 -2.93 3.70
N SER A 33 8.26 -4.20 4.08
CA SER A 33 9.52 -4.85 4.44
C SER A 33 9.96 -5.91 3.43
N GLY A 34 11.18 -5.76 2.92
CA GLY A 34 11.72 -6.71 1.97
C GLY A 34 11.54 -6.37 0.51
N LEU A 35 11.04 -5.17 0.22
CA LEU A 35 10.83 -4.74 -1.15
C LEU A 35 11.62 -3.47 -1.48
N GLY A 36 12.76 -3.31 -0.80
CA GLY A 36 13.59 -2.15 -1.01
C GLY A 36 14.38 -2.11 -2.30
N GLY A 37 14.53 -3.26 -2.95
CA GLY A 37 15.27 -3.30 -4.19
C GLY A 37 14.48 -2.67 -5.32
N LEU A 38 13.21 -2.37 -5.05
CA LEU A 38 12.32 -1.78 -6.04
C LEU A 38 12.73 -0.33 -6.27
N VAL A 39 13.35 0.27 -5.26
CA VAL A 39 13.78 1.66 -5.35
C VAL A 39 15.07 1.82 -6.17
N ASN A 40 15.85 0.74 -6.27
CA ASN A 40 17.11 0.76 -7.00
C ASN A 40 16.93 0.71 -8.52
N LYS A 41 15.68 0.50 -8.95
CA LYS A 41 15.37 0.43 -10.37
C LYS A 41 15.00 1.81 -10.92
N LEU A 42 14.88 2.78 -10.01
CA LEU A 42 14.53 4.14 -10.39
C LEU A 42 15.70 4.86 -11.05
N THR A 43 15.38 5.66 -12.06
CA THR A 43 16.39 6.44 -12.77
C THR A 43 16.12 7.91 -12.47
N GLN A 44 17.17 8.74 -12.55
CA GLN A 44 17.04 10.17 -12.25
C GLN A 44 16.42 10.27 -10.85
N ALA A 45 16.77 9.31 -10.01
CA ALA A 45 16.26 9.23 -8.65
C ALA A 45 16.74 10.33 -7.73
N GLN A 46 15.91 10.66 -6.75
CA GLN A 46 16.23 11.63 -5.73
C GLN A 46 15.58 11.13 -4.45
N THR A 47 16.40 10.97 -3.41
CA THR A 47 15.93 10.48 -2.13
C THR A 47 15.83 11.57 -1.06
N PHE A 48 14.80 11.45 -0.24
CA PHE A 48 14.57 12.36 0.87
C PHE A 48 14.35 11.47 2.09
N ASP A 49 15.11 11.69 3.17
CA ASP A 49 14.87 10.91 4.36
C ASP A 49 13.59 11.47 4.93
N TYR A 50 12.76 10.64 5.55
CA TYR A 50 11.52 11.14 6.12
C TYR A 50 11.80 12.25 7.12
N SER A 51 12.92 12.13 7.83
CA SER A 51 13.29 13.12 8.84
C SER A 51 13.61 14.53 8.30
N GLU A 52 13.82 14.67 6.99
CA GLU A 52 14.11 16.01 6.45
C GLU A 52 12.90 16.67 5.83
N ILE A 53 11.79 15.94 5.75
CA ILE A 53 10.56 16.46 5.18
C ILE A 53 9.66 17.00 6.29
N PRO A 54 9.35 18.30 6.26
CA PRO A 54 8.49 18.85 7.30
C PRO A 54 7.18 18.06 7.45
N ASN A 55 6.76 17.85 8.68
CA ASN A 55 5.52 17.14 9.01
C ASN A 55 5.48 15.62 8.84
N PHE A 56 6.45 15.05 8.13
CA PHE A 56 6.46 13.61 7.92
C PHE A 56 6.65 12.84 9.21
N PRO A 57 5.92 11.71 9.39
CA PRO A 57 6.04 10.91 10.61
C PRO A 57 7.47 10.37 10.68
N GLU A 58 8.01 10.21 11.89
CA GLU A 58 9.39 9.74 11.99
C GLU A 58 9.59 8.23 11.94
N SER A 59 10.74 7.85 11.40
CA SER A 59 11.14 6.46 11.26
C SER A 59 10.05 5.61 10.60
N GLY A 66 14.14 5.09 6.76
CA GLY A 66 12.93 5.30 5.98
C GLY A 66 13.05 6.51 5.08
N ARG A 67 12.70 6.35 3.81
CA ARG A 67 12.80 7.48 2.89
C ARG A 67 11.84 7.50 1.72
N LEU A 68 11.69 8.68 1.14
CA LEU A 68 10.82 8.92 0.01
C LEU A 68 11.73 9.06 -1.20
N VAL A 69 11.52 8.22 -2.21
CA VAL A 69 12.37 8.28 -3.40
C VAL A 69 11.60 8.62 -4.66
N PHE A 70 11.98 9.73 -5.27
CA PHE A 70 11.35 10.17 -6.52
C PHE A 70 12.21 9.62 -7.66
N GLY A 71 11.59 9.41 -8.81
CA GLY A 71 12.34 8.89 -9.94
C GLY A 71 11.44 8.36 -11.02
N ILE A 72 12.06 7.85 -12.07
CA ILE A 72 11.31 7.29 -13.18
C ILE A 72 11.48 5.78 -13.19
N LEU A 73 10.35 5.09 -13.09
CA LEU A 73 10.33 3.63 -13.08
C LEU A 73 9.63 3.13 -14.35
N ASN A 74 10.40 2.45 -15.20
CA ASN A 74 9.88 1.91 -16.46
C ASN A 74 9.08 2.97 -17.21
N GLY A 75 9.68 4.14 -17.38
CA GLY A 75 9.04 5.23 -18.11
C GLY A 75 8.02 6.07 -17.36
N ARG A 76 7.59 5.62 -16.18
CA ARG A 76 6.60 6.39 -15.44
C ARG A 76 7.22 7.13 -14.25
N ALA A 77 6.90 8.43 -14.15
CA ALA A 77 7.41 9.24 -13.06
C ALA A 77 6.66 8.83 -11.79
N CYS A 78 7.38 8.47 -10.74
CA CYS A 78 6.71 8.07 -9.52
C CYS A 78 7.46 8.44 -8.25
N VAL A 79 6.74 8.37 -7.13
CA VAL A 79 7.30 8.65 -5.83
C VAL A 79 7.11 7.38 -5.02
N MET A 80 8.16 6.98 -4.31
CA MET A 80 8.13 5.73 -3.58
C MET A 80 8.48 5.81 -2.10
N MET A 81 7.64 5.18 -1.27
CA MET A 81 7.89 5.13 0.16
C MET A 81 8.69 3.86 0.43
N GLN A 82 9.91 4.04 0.90
CA GLN A 82 10.79 2.93 1.26
C GLN A 82 10.70 2.86 2.76
N GLY A 83 9.79 2.03 3.25
CA GLY A 83 9.56 1.91 4.67
C GLY A 83 8.22 2.59 4.90
N ARG A 84 7.32 1.94 5.64
CA ARG A 84 6.02 2.53 5.88
C ARG A 84 5.74 2.62 7.37
N PHE A 85 4.56 3.12 7.72
CA PHE A 85 4.19 3.26 9.11
C PHE A 85 3.16 2.20 9.51
N HIS A 86 3.20 1.78 10.77
CA HIS A 86 2.26 0.77 11.24
C HIS A 86 1.59 1.13 12.53
N MET A 87 0.36 0.67 12.69
CA MET A 87 -0.39 0.90 13.90
C MET A 87 0.35 0.28 15.09
N TYR A 88 0.94 -0.89 14.87
CA TYR A 88 1.65 -1.59 15.96
C TYR A 88 2.85 -0.82 16.52
N GLU A 89 3.34 0.18 15.79
CA GLU A 89 4.46 0.99 16.26
C GLU A 89 3.95 2.10 17.19
N GLY A 90 2.63 2.28 17.23
CA GLY A 90 2.05 3.29 18.08
C GLY A 90 1.43 4.48 17.36
N TYR A 91 1.62 4.58 16.04
CA TYR A 91 1.07 5.70 15.30
C TYR A 91 -0.44 5.54 15.10
N PRO A 92 -1.19 6.66 15.21
CA PRO A 92 -2.64 6.60 14.99
C PRO A 92 -2.72 6.56 13.47
N PHE A 93 -3.83 6.13 12.89
CA PHE A 93 -3.89 6.07 11.44
C PHE A 93 -3.71 7.40 10.70
N TRP A 94 -3.99 8.53 11.37
CA TRP A 94 -3.80 9.81 10.69
C TRP A 94 -2.32 10.12 10.45
N LYS A 95 -1.44 9.42 11.15
CA LYS A 95 -0.01 9.61 10.92
C LYS A 95 0.42 8.57 9.89
N VAL A 96 -0.07 7.34 10.05
CA VAL A 96 0.26 6.26 9.12
C VAL A 96 -0.07 6.63 7.68
N THR A 97 -1.21 7.29 7.49
CA THR A 97 -1.67 7.65 6.16
C THR A 97 -1.37 9.07 5.70
N PHE A 98 -0.60 9.81 6.50
CA PHE A 98 -0.23 11.18 6.17
C PHE A 98 0.34 11.29 4.75
N PRO A 99 1.27 10.41 4.37
CA PRO A 99 1.87 10.47 3.03
C PRO A 99 0.88 10.39 1.87
N VAL A 100 -0.14 9.56 1.99
CA VAL A 100 -1.11 9.41 0.93
C VAL A 100 -1.75 10.74 0.55
N ARG A 101 -2.18 11.51 1.55
CA ARG A 101 -2.78 12.79 1.27
C ARG A 101 -1.78 13.77 0.68
N VAL A 102 -0.51 13.60 1.04
CA VAL A 102 0.52 14.46 0.49
C VAL A 102 0.66 14.12 -0.99
N PHE A 103 0.64 12.83 -1.33
CA PHE A 103 0.77 12.40 -2.72
C PHE A 103 -0.34 13.04 -3.55
N ARG A 104 -1.55 13.03 -3.00
CA ARG A 104 -2.70 13.62 -3.67
C ARG A 104 -2.39 15.08 -3.99
N LEU A 105 -1.85 15.80 -3.02
CA LEU A 105 -1.52 17.21 -3.22
C LEU A 105 -0.35 17.42 -4.17
N LEU A 106 0.43 16.37 -4.42
CA LEU A 106 1.56 16.46 -5.32
C LEU A 106 1.09 16.23 -6.76
N GLY A 107 -0.13 15.77 -6.92
CA GLY A 107 -0.64 15.52 -8.26
C GLY A 107 -0.65 14.04 -8.62
N VAL A 108 -0.33 13.18 -7.66
CA VAL A 108 -0.33 11.74 -7.88
C VAL A 108 -1.76 11.29 -8.15
N GLU A 109 -1.92 10.32 -9.05
CA GLU A 109 -3.25 9.84 -9.39
C GLU A 109 -3.43 8.35 -9.07
N THR A 110 -2.33 7.63 -9.03
CA THR A 110 -2.38 6.20 -8.75
C THR A 110 -1.49 5.82 -7.58
N LEU A 111 -2.01 4.97 -6.70
CA LEU A 111 -1.26 4.50 -5.56
C LEU A 111 -1.10 2.99 -5.65
N VAL A 112 0.14 2.53 -5.58
CA VAL A 112 0.43 1.11 -5.61
C VAL A 112 0.86 0.74 -4.20
N VAL A 113 0.20 -0.25 -3.61
CA VAL A 113 0.53 -0.68 -2.26
C VAL A 113 1.05 -2.11 -2.30
N THR A 114 2.06 -2.37 -1.49
CA THR A 114 2.64 -3.70 -1.42
C THR A 114 2.85 -4.00 0.05
N ASN A 115 2.96 -5.29 0.37
CA ASN A 115 3.15 -5.70 1.75
C ASN A 115 3.57 -7.16 1.82
N ALA A 116 4.13 -7.54 2.97
CA ALA A 116 4.49 -8.94 3.20
C ALA A 116 3.29 -9.45 3.99
N ALA A 117 2.83 -10.66 3.70
CA ALA A 117 1.67 -11.20 4.39
C ALA A 117 1.76 -12.70 4.64
N GLY A 118 0.92 -13.18 5.55
CA GLY A 118 0.87 -14.59 5.88
C GLY A 118 -0.23 -15.21 5.05
N GLY A 119 0.06 -16.36 4.45
CA GLY A 119 -0.93 -17.02 3.62
C GLY A 119 -1.94 -17.83 4.40
N LEU A 120 -3.22 -17.46 4.28
CA LEU A 120 -4.29 -18.18 4.97
C LEU A 120 -4.90 -19.21 4.01
N ASN A 121 -4.90 -18.86 2.72
CA ASN A 121 -5.43 -19.74 1.68
C ASN A 121 -4.48 -20.94 1.52
N PRO A 122 -4.98 -22.17 1.77
CA PRO A 122 -4.19 -23.40 1.66
C PRO A 122 -3.43 -23.55 0.35
N ASN A 123 -4.03 -23.09 -0.75
CA ASN A 123 -3.42 -23.18 -2.07
C ASN A 123 -2.25 -22.23 -2.30
N PHE A 124 -1.99 -21.35 -1.34
CA PHE A 124 -0.87 -20.41 -1.46
C PHE A 124 0.43 -21.10 -1.14
N GLU A 125 1.51 -20.59 -1.69
CA GLU A 125 2.84 -21.14 -1.45
C GLU A 125 3.77 -19.98 -1.13
N VAL A 126 4.82 -20.26 -0.36
CA VAL A 126 5.79 -19.24 -0.02
C VAL A 126 6.31 -18.60 -1.30
N GLY A 127 6.51 -17.28 -1.27
CA GLY A 127 7.01 -16.59 -2.44
C GLY A 127 5.92 -16.16 -3.41
N ASP A 128 4.70 -16.64 -3.21
CA ASP A 128 3.60 -16.28 -4.09
C ASP A 128 3.36 -14.79 -4.07
N ILE A 129 2.73 -14.28 -5.12
CA ILE A 129 2.39 -12.89 -5.21
C ILE A 129 0.88 -12.86 -5.37
N MET A 130 0.19 -12.26 -4.40
CA MET A 130 -1.25 -12.18 -4.43
C MET A 130 -1.74 -10.78 -4.76
N LEU A 131 -2.40 -10.66 -5.91
CA LEU A 131 -2.98 -9.39 -6.31
C LEU A 131 -4.10 -9.19 -5.28
N ILE A 132 -4.15 -8.02 -4.66
CA ILE A 132 -5.19 -7.75 -3.67
C ILE A 132 -6.48 -7.38 -4.39
N ARG A 133 -7.50 -8.21 -4.26
CA ARG A 133 -8.77 -7.91 -4.92
C ARG A 133 -9.73 -7.23 -3.96
N ASP A 134 -9.55 -7.48 -2.67
CA ASP A 134 -10.42 -6.91 -1.65
C ASP A 134 -9.71 -6.98 -0.30
N HIS A 135 -10.30 -6.35 0.71
CA HIS A 135 -9.70 -6.40 2.02
C HIS A 135 -10.74 -6.44 3.12
N ILE A 136 -10.30 -6.75 4.32
CA ILE A 136 -11.16 -6.78 5.49
C ILE A 136 -10.41 -5.91 6.47
N ASN A 137 -11.06 -4.85 6.94
CA ASN A 137 -10.40 -3.93 7.86
C ASN A 137 -10.93 -4.11 9.28
N LEU A 138 -10.32 -5.05 10.01
CA LEU A 138 -10.74 -5.32 11.39
C LEU A 138 -10.66 -4.09 12.28
N PRO A 139 -9.51 -3.39 12.29
CA PRO A 139 -9.44 -2.21 13.16
C PRO A 139 -10.58 -1.24 12.83
N GLY A 140 -10.95 -1.17 11.55
CA GLY A 140 -12.02 -0.30 11.13
C GLY A 140 -13.37 -0.63 11.75
N PHE A 141 -13.58 -1.87 12.15
CA PHE A 141 -14.86 -2.25 12.75
C PHE A 141 -15.07 -1.61 14.12
N SER A 142 -13.96 -1.28 14.80
CA SER A 142 -14.03 -0.69 16.13
C SER A 142 -13.82 0.83 16.12
N GLY A 143 -13.76 1.41 14.92
CA GLY A 143 -13.58 2.85 14.84
C GLY A 143 -12.18 3.33 14.53
N GLU A 144 -11.18 2.46 14.67
CA GLU A 144 -9.80 2.82 14.36
C GLU A 144 -9.77 2.98 12.84
N ASN A 145 -10.21 4.14 12.38
CA ASN A 145 -10.30 4.44 10.96
C ASN A 145 -9.54 5.73 10.65
N PRO A 146 -8.73 5.73 9.57
CA PRO A 146 -7.98 6.93 9.21
C PRO A 146 -8.87 8.10 8.83
N LEU A 147 -10.13 7.81 8.53
CA LEU A 147 -11.09 8.84 8.16
C LEU A 147 -11.87 9.34 9.37
N ARG A 148 -11.64 8.73 10.52
CA ARG A 148 -12.34 9.13 11.75
C ARG A 148 -12.10 10.60 12.04
N GLY A 149 -13.16 11.31 12.40
CA GLY A 149 -13.04 12.74 12.69
C GLY A 149 -13.79 13.56 11.66
N PRO A 150 -13.71 14.91 11.72
CA PRO A 150 -14.40 15.75 10.76
C PRO A 150 -13.96 15.41 9.34
N ASN A 151 -14.88 15.44 8.38
CA ASN A 151 -14.50 15.14 7.01
C ASN A 151 -14.00 16.40 6.31
N GLU A 152 -12.91 16.26 5.55
CA GLU A 152 -12.36 17.39 4.81
C GLU A 152 -12.76 17.23 3.35
N GLU A 153 -13.81 17.95 2.94
CA GLU A 153 -14.32 17.87 1.58
C GLU A 153 -13.31 18.14 0.47
N ARG A 154 -12.22 18.85 0.81
CA ARG A 154 -11.20 19.13 -0.20
C ARG A 154 -10.47 17.83 -0.56
N PHE A 155 -10.68 16.79 0.25
CA PHE A 155 -10.09 15.49 0.00
C PHE A 155 -11.12 14.53 -0.59
N GLY A 156 -12.22 14.33 0.12
CA GLY A 156 -13.25 13.42 -0.37
C GLY A 156 -14.57 13.58 0.36
N VAL A 157 -15.45 12.58 0.20
CA VAL A 157 -16.76 12.63 0.83
C VAL A 157 -16.81 11.96 2.21
N ARG A 158 -17.80 12.35 3.00
CA ARG A 158 -17.98 11.81 4.36
C ARG A 158 -18.06 10.29 4.43
N PHE A 159 -18.88 9.69 3.57
CA PHE A 159 -19.08 8.24 3.55
C PHE A 159 -18.58 7.57 2.27
N PRO A 160 -17.25 7.54 2.06
CA PRO A 160 -16.72 6.92 0.85
C PRO A 160 -16.93 5.42 0.73
N ALA A 161 -17.29 4.98 -0.47
CA ALA A 161 -17.50 3.56 -0.74
C ALA A 161 -16.12 2.88 -0.82
N MET A 162 -16.04 1.65 -0.35
CA MET A 162 -14.78 0.92 -0.34
C MET A 162 -14.88 -0.40 -1.12
N SER A 163 -16.10 -0.71 -1.59
CA SER A 163 -16.33 -1.95 -2.33
C SER A 163 -15.56 -2.04 -3.65
N ASP A 164 -15.22 -0.89 -4.23
CA ASP A 164 -14.48 -0.84 -5.49
C ASP A 164 -13.08 -0.27 -5.30
N ALA A 165 -12.52 -0.47 -4.10
CA ALA A 165 -11.20 0.04 -3.76
C ALA A 165 -10.06 -0.37 -4.69
N TYR A 166 -9.97 -1.65 -5.04
CA TYR A 166 -8.90 -2.11 -5.90
C TYR A 166 -9.31 -2.11 -7.38
N ASP A 167 -8.89 -1.05 -8.06
CA ASP A 167 -9.19 -0.84 -9.48
C ASP A 167 -9.22 -2.12 -10.31
N ARG A 168 -10.35 -2.38 -10.95
CA ARG A 168 -10.51 -3.57 -11.77
C ARG A 168 -9.61 -3.55 -13.01
N ASP A 169 -9.58 -2.42 -13.71
CA ASP A 169 -8.74 -2.32 -14.90
C ASP A 169 -7.27 -2.65 -14.61
N MET A 170 -6.74 -2.15 -13.50
CA MET A 170 -5.36 -2.43 -13.15
C MET A 170 -5.19 -3.91 -12.78
N ARG A 171 -6.20 -4.48 -12.13
CA ARG A 171 -6.14 -5.89 -11.77
C ARG A 171 -6.13 -6.74 -13.03
N GLN A 172 -6.79 -6.25 -14.08
CA GLN A 172 -6.84 -6.94 -15.36
C GLN A 172 -5.46 -6.83 -16.03
N LYS A 173 -4.87 -5.63 -15.97
CA LYS A 173 -3.55 -5.41 -16.54
C LYS A 173 -2.55 -6.30 -15.82
N ALA A 174 -2.68 -6.36 -14.49
CA ALA A 174 -1.80 -7.18 -13.66
C ALA A 174 -1.77 -8.63 -14.14
N HIS A 175 -2.94 -9.22 -14.35
CA HIS A 175 -3.02 -10.60 -14.82
C HIS A 175 -2.43 -10.80 -16.21
N SER A 176 -2.81 -9.96 -17.17
CA SER A 176 -2.29 -10.08 -18.52
C SER A 176 -0.78 -9.82 -18.57
N THR A 177 -0.32 -8.89 -17.73
CA THR A 177 1.11 -8.58 -17.68
C THR A 177 1.88 -9.77 -17.11
N TRP A 178 1.30 -10.40 -16.09
CA TRP A 178 1.92 -11.57 -15.46
C TRP A 178 2.04 -12.68 -16.49
N LYS A 179 1.02 -12.81 -17.33
CA LYS A 179 1.01 -13.85 -18.36
C LYS A 179 2.13 -13.63 -19.37
N GLN A 180 2.45 -12.37 -19.63
CA GLN A 180 3.51 -12.03 -20.58
C GLN A 180 4.88 -12.33 -19.97
N MET A 181 4.93 -12.39 -18.64
CA MET A 181 6.17 -12.68 -17.93
C MET A 181 6.54 -14.16 -18.05
N GLY A 182 5.59 -14.98 -18.47
CA GLY A 182 5.84 -16.39 -18.62
C GLY A 182 6.16 -17.13 -17.33
N GLU A 183 5.57 -16.69 -16.22
CA GLU A 183 5.79 -17.31 -14.92
C GLU A 183 5.08 -18.66 -14.82
N GLN A 184 5.75 -19.63 -14.21
CA GLN A 184 5.18 -20.97 -14.04
C GLN A 184 4.03 -20.92 -13.04
N ARG A 185 4.25 -20.21 -11.93
CA ARG A 185 3.23 -20.06 -10.90
C ARG A 185 2.24 -18.98 -11.29
N GLU A 186 0.96 -19.27 -11.17
CA GLU A 186 -0.08 -18.31 -11.49
C GLU A 186 -0.03 -17.14 -10.52
N LEU A 187 -0.55 -15.99 -10.96
CA LEU A 187 -0.60 -14.82 -10.12
C LEU A 187 -1.78 -15.06 -9.19
N GLN A 188 -1.52 -15.11 -7.89
CA GLN A 188 -2.60 -15.35 -6.93
C GLN A 188 -3.46 -14.09 -6.81
N GLU A 189 -4.68 -14.28 -6.31
CA GLU A 189 -5.62 -13.19 -6.14
C GLU A 189 -6.46 -13.50 -4.91
N GLY A 190 -6.69 -12.52 -4.05
CA GLY A 190 -7.48 -12.79 -2.87
C GLY A 190 -7.79 -11.61 -1.97
N THR A 191 -8.34 -11.92 -0.80
CA THR A 191 -8.71 -10.91 0.18
C THR A 191 -7.65 -10.79 1.25
N TYR A 192 -7.22 -9.56 1.50
CA TYR A 192 -6.22 -9.28 2.51
C TYR A 192 -6.92 -8.77 3.77
N VAL A 193 -6.64 -9.37 4.90
CA VAL A 193 -7.22 -8.92 6.15
C VAL A 193 -6.15 -8.22 6.98
N MET A 194 -6.45 -7.04 7.49
CA MET A 194 -5.49 -6.33 8.31
C MET A 194 -5.84 -6.44 9.78
N LEU A 195 -4.81 -6.73 10.58
CA LEU A 195 -4.89 -6.82 12.04
C LEU A 195 -3.87 -5.83 12.60
N GLY A 196 -4.07 -5.39 13.83
CA GLY A 196 -3.14 -4.45 14.42
C GLY A 196 -1.72 -4.94 14.64
N GLY A 197 -1.58 -6.13 15.20
CA GLY A 197 -0.25 -6.65 15.47
C GLY A 197 0.22 -6.05 16.79
N PRO A 198 1.50 -6.19 17.15
CA PRO A 198 2.59 -6.83 16.41
C PRO A 198 2.78 -8.34 16.54
N ASN A 199 2.07 -8.99 17.47
CA ASN A 199 2.26 -10.43 17.63
C ASN A 199 1.61 -11.18 16.47
N PHE A 200 2.11 -12.37 16.17
CA PHE A 200 1.54 -13.18 15.10
C PHE A 200 0.36 -13.93 15.71
N GLU A 201 -0.59 -14.32 14.86
CA GLU A 201 -1.81 -14.99 15.32
C GLU A 201 -1.67 -16.40 15.87
N THR A 202 -2.65 -16.77 16.69
CA THR A 202 -2.71 -18.10 17.27
C THR A 202 -3.43 -18.96 16.22
N VAL A 203 -3.50 -20.26 16.48
CA VAL A 203 -4.17 -21.16 15.56
C VAL A 203 -5.66 -20.79 15.51
N ALA A 204 -6.27 -20.63 16.68
CA ALA A 204 -7.68 -20.27 16.75
C ALA A 204 -7.98 -18.99 15.96
N GLU A 205 -7.10 -18.01 16.05
CA GLU A 205 -7.29 -16.75 15.33
C GLU A 205 -7.09 -16.95 13.83
N CYS A 206 -6.07 -17.73 13.47
CA CYS A 206 -5.80 -18.02 12.06
C CYS A 206 -7.01 -18.67 11.39
N ARG A 207 -7.61 -19.65 12.05
CA ARG A 207 -8.78 -20.34 11.52
C ARG A 207 -9.92 -19.35 11.40
N LEU A 208 -10.06 -18.53 12.43
CA LEU A 208 -11.11 -17.51 12.50
C LEU A 208 -11.02 -16.63 11.26
N LEU A 209 -9.83 -16.10 11.00
CA LEU A 209 -9.59 -15.22 9.86
C LEU A 209 -9.89 -15.87 8.53
N ARG A 210 -9.52 -17.14 8.40
CA ARG A 210 -9.76 -17.87 7.17
C ARG A 210 -11.26 -18.02 6.95
N ASN A 211 -12.01 -18.28 8.01
CA ASN A 211 -13.46 -18.43 7.91
C ASN A 211 -14.17 -17.12 7.61
N LEU A 212 -13.50 -16.00 7.83
CA LEU A 212 -14.05 -14.69 7.53
C LEU A 212 -13.87 -14.43 6.04
N GLY A 213 -13.20 -15.35 5.35
CA GLY A 213 -12.98 -15.21 3.93
C GLY A 213 -11.67 -14.54 3.53
N ALA A 214 -10.73 -14.43 4.46
CA ALA A 214 -9.44 -13.80 4.15
C ALA A 214 -8.47 -14.83 3.58
N ASP A 215 -7.70 -14.40 2.59
CA ASP A 215 -6.71 -15.25 1.94
C ASP A 215 -5.31 -15.00 2.48
N ALA A 216 -5.08 -13.78 2.95
CA ALA A 216 -3.78 -13.41 3.49
C ALA A 216 -4.00 -12.44 4.65
N VAL A 217 -3.06 -12.45 5.60
CA VAL A 217 -3.15 -11.58 6.76
C VAL A 217 -1.88 -10.72 6.90
N GLY A 218 -2.07 -9.46 7.28
CA GLY A 218 -0.95 -8.54 7.43
C GLY A 218 -1.22 -7.45 8.45
N MET A 219 -0.33 -6.46 8.52
CA MET A 219 -0.46 -5.38 9.50
C MET A 219 -0.37 -3.97 8.93
N SER A 220 -0.79 -3.78 7.68
CA SER A 220 -0.72 -2.46 7.07
C SER A 220 -1.63 -2.38 5.86
N THR A 221 -1.30 -1.45 4.97
CA THR A 221 -2.01 -1.29 3.71
C THR A 221 -3.44 -0.79 3.71
N VAL A 222 -4.32 -1.49 4.41
CA VAL A 222 -5.73 -1.09 4.43
C VAL A 222 -5.98 0.39 4.73
N PRO A 223 -5.30 0.96 5.76
CA PRO A 223 -5.55 2.38 6.05
C PRO A 223 -5.10 3.29 4.90
N GLU A 224 -3.99 2.93 4.27
CA GLU A 224 -3.46 3.71 3.16
C GLU A 224 -4.45 3.64 1.98
N VAL A 225 -4.97 2.45 1.71
CA VAL A 225 -5.92 2.27 0.63
C VAL A 225 -7.19 3.10 0.86
N ILE A 226 -7.71 3.02 2.09
CA ILE A 226 -8.92 3.76 2.43
C ILE A 226 -8.73 5.26 2.20
N VAL A 227 -7.64 5.83 2.71
CA VAL A 227 -7.40 7.27 2.53
C VAL A 227 -7.19 7.61 1.05
N ALA A 228 -6.53 6.73 0.31
CA ALA A 228 -6.28 6.95 -1.11
C ALA A 228 -7.62 7.01 -1.87
N ARG A 229 -8.48 6.04 -1.60
CA ARG A 229 -9.78 5.98 -2.25
C ARG A 229 -10.59 7.23 -1.88
N HIS A 230 -10.49 7.64 -0.62
CA HIS A 230 -11.22 8.81 -0.15
C HIS A 230 -10.83 10.06 -0.93
N CYS A 231 -9.53 10.22 -1.24
CA CYS A 231 -9.12 11.40 -1.98
C CYS A 231 -9.04 11.19 -3.49
N GLY A 232 -9.72 10.15 -3.98
CA GLY A 232 -9.79 9.89 -5.39
C GLY A 232 -8.66 9.17 -6.13
N LEU A 233 -7.71 8.60 -5.41
CA LEU A 233 -6.62 7.92 -6.10
C LEU A 233 -7.06 6.54 -6.59
N ARG A 234 -6.49 6.14 -7.73
CA ARG A 234 -6.75 4.83 -8.30
C ARG A 234 -5.84 3.91 -7.48
N VAL A 235 -6.33 2.75 -7.08
CA VAL A 235 -5.51 1.87 -6.26
C VAL A 235 -5.40 0.44 -6.75
N PHE A 236 -4.25 -0.14 -6.50
CA PHE A 236 -4.01 -1.54 -6.80
C PHE A 236 -2.80 -1.94 -5.95
N GLY A 237 -2.75 -3.20 -5.54
CA GLY A 237 -1.64 -3.62 -4.71
C GLY A 237 -1.37 -5.11 -4.74
N PHE A 238 -0.32 -5.52 -4.03
CA PHE A 238 0.06 -6.91 -3.97
C PHE A 238 0.60 -7.30 -2.59
N SER A 239 0.41 -8.57 -2.26
CA SER A 239 0.88 -9.12 -1.01
C SER A 239 1.90 -10.20 -1.38
N LEU A 240 3.06 -10.15 -0.73
CA LEU A 240 4.10 -11.16 -0.94
C LEU A 240 3.88 -12.17 0.17
N ILE A 241 3.48 -13.39 -0.19
CA ILE A 241 3.25 -14.44 0.81
C ILE A 241 4.59 -14.97 1.28
N THR A 242 5.07 -14.46 2.41
CA THR A 242 6.36 -14.86 2.94
C THR A 242 6.35 -16.17 3.74
N ASN A 243 5.15 -16.66 4.07
CA ASN A 243 5.06 -17.91 4.80
C ASN A 243 3.64 -18.45 4.81
N LYS A 244 3.51 -19.77 4.83
CA LYS A 244 2.20 -20.41 4.87
C LYS A 244 1.82 -20.50 6.34
N VAL A 245 0.74 -19.82 6.71
CA VAL A 245 0.30 -19.84 8.10
C VAL A 245 -0.18 -21.24 8.49
N ILE A 246 0.20 -21.69 9.68
CA ILE A 246 -0.23 -23.01 10.16
C ILE A 246 -1.65 -22.90 10.69
N MET A 247 -2.56 -23.66 10.11
CA MET A 247 -3.98 -23.64 10.47
C MET A 247 -4.41 -24.65 11.54
N ASP A 248 -3.51 -25.54 11.94
CA ASP A 248 -3.86 -26.56 12.93
C ASP A 248 -2.79 -26.69 14.01
N TYR A 249 -3.15 -27.38 15.09
CA TYR A 249 -2.21 -27.61 16.19
C TYR A 249 -1.26 -28.76 15.87
N GLU A 250 -0.10 -28.75 16.52
CA GLU A 250 0.90 -29.80 16.29
C GLU A 250 0.65 -30.99 17.22
N ALA A 267 11.35 -14.17 -3.48
CA ALA A 267 10.35 -13.79 -4.46
C ALA A 267 10.17 -12.27 -4.48
N ALA A 268 10.81 -11.59 -3.54
CA ALA A 268 10.73 -10.14 -3.45
C ALA A 268 11.24 -9.51 -4.75
N GLN A 269 12.20 -10.17 -5.38
CA GLN A 269 12.76 -9.67 -6.62
C GLN A 269 11.73 -9.74 -7.75
N LYS A 270 10.99 -10.84 -7.80
CA LYS A 270 9.97 -11.01 -8.83
C LYS A 270 8.87 -9.95 -8.68
N LEU A 271 8.52 -9.64 -7.44
CA LEU A 271 7.50 -8.62 -7.18
C LEU A 271 8.00 -7.27 -7.66
N GLU A 272 9.28 -7.00 -7.41
CA GLU A 272 9.90 -5.75 -7.83
C GLU A 272 9.84 -5.61 -9.35
N GLN A 273 10.11 -6.71 -10.05
CA GLN A 273 10.08 -6.71 -11.51
C GLN A 273 8.66 -6.50 -11.99
N PHE A 274 7.72 -7.21 -11.37
CA PHE A 274 6.31 -7.13 -11.72
C PHE A 274 5.76 -5.71 -11.60
N VAL A 275 5.96 -5.07 -10.44
CA VAL A 275 5.48 -3.71 -10.23
C VAL A 275 6.13 -2.75 -11.24
N SER A 276 7.39 -3.01 -11.55
CA SER A 276 8.13 -2.19 -12.51
C SER A 276 7.47 -2.25 -13.88
N LEU A 277 7.13 -3.46 -14.33
CA LEU A 277 6.51 -3.66 -15.63
C LEU A 277 5.11 -3.03 -15.73
N LEU A 278 4.35 -3.12 -14.63
CA LEU A 278 3.00 -2.59 -14.58
C LEU A 278 2.90 -1.09 -14.79
N MET A 279 3.99 -0.37 -14.57
CA MET A 279 3.98 1.08 -14.76
C MET A 279 3.47 1.39 -16.17
N ALA A 280 3.91 0.62 -17.14
CA ALA A 280 3.52 0.81 -18.54
C ALA A 280 2.04 0.55 -18.78
N SER A 281 1.39 -0.19 -17.89
CA SER A 281 -0.02 -0.49 -18.03
C SER A 281 -0.92 0.52 -17.31
N ILE A 282 -0.32 1.35 -16.47
CA ILE A 282 -1.09 2.36 -15.75
C ILE A 282 -1.45 3.49 -16.71
N PRO A 283 -2.75 3.78 -16.85
CA PRO A 283 -3.17 4.87 -17.75
C PRO A 283 -2.53 6.20 -17.38
N VAL A 284 -2.21 7.00 -18.40
CA VAL A 284 -1.59 8.31 -18.18
C VAL A 284 -2.63 9.42 -18.25
#